data_7C6B
#
_entry.id   7C6B
#
_cell.length_a   47.280
_cell.length_b   66.460
_cell.length_c   40.420
_cell.angle_alpha   107.060
_cell.angle_beta   95.630
_cell.angle_gamma   86.400
#
_symmetry.space_group_name_H-M   'P 1'
#
loop_
_entity.id
_entity.type
_entity.pdbx_description
1 polymer 'Protein argonaute-2'
2 non-polymer '3-[3-[9-[(2R,3R,4S,5R)-3,4-bis(oxidanyl)-5-(phosphonooxymethyl)oxolan-2-yl]purin-6-yl]phenyl]propanoic acid'
3 non-polymer 'PHOSPHATE ION'
4 water water
#
_entity_poly.entity_id   1
_entity_poly.type   'polypeptide(L)'
_entity_poly.pdbx_seq_one_letter_code
;KQFHTGIEIKVWAIACFAPQRQCTEVHLKSFTEQLRKISRDAGMPIQGQPCFCKYAQGADSVEPMFRHLKNTYAGLQLVV
VILPGKTPVYAEVKRVGDTVLGMATQCVQMKNVQRTTPQTLSNLCLKINVKLGGVNNIL
;
_entity_poly.pdbx_strand_id   A,B,C
#
# COMPACT_ATOMS: atom_id res chain seq x y z
N GLN A 2 -11.88 5.08 -8.98
CA GLN A 2 -11.44 3.71 -8.51
C GLN A 2 -10.66 3.02 -9.63
N PHE A 3 -11.17 3.06 -10.87
CA PHE A 3 -10.55 2.40 -12.06
C PHE A 3 -9.46 3.27 -12.72
N HIS A 4 -8.30 2.66 -12.97
CA HIS A 4 -7.10 3.31 -13.55
C HIS A 4 -7.02 3.13 -15.07
N THR A 5 -6.77 4.24 -15.77
CA THR A 5 -6.52 4.26 -17.24
C THR A 5 -5.01 4.18 -17.46
N GLY A 6 -4.60 3.85 -18.68
CA GLY A 6 -3.18 3.91 -19.08
C GLY A 6 -2.40 2.66 -18.70
N ILE A 7 -3.04 1.62 -18.15
CA ILE A 7 -2.33 0.33 -17.92
C ILE A 7 -2.27 -0.41 -19.26
N GLU A 8 -1.08 -0.89 -19.64
CA GLU A 8 -0.85 -1.78 -20.79
C GLU A 8 0.03 -2.91 -20.27
N ILE A 9 -0.45 -4.15 -20.30
CA ILE A 9 0.37 -5.30 -19.79
C ILE A 9 0.94 -6.04 -21.01
N LYS A 10 2.18 -5.72 -21.36
CA LYS A 10 2.89 -6.26 -22.52
C LYS A 10 3.68 -7.52 -22.13
N VAL A 11 4.29 -7.57 -20.95
CA VAL A 11 5.17 -8.73 -20.55
C VAL A 11 4.57 -9.35 -19.32
N TRP A 12 4.00 -10.55 -19.46
CA TRP A 12 3.38 -11.23 -18.31
C TRP A 12 3.52 -12.76 -18.45
N ALA A 13 3.40 -13.44 -17.35
CA ALA A 13 3.66 -14.89 -17.26
C ALA A 13 2.45 -15.59 -16.65
N ILE A 14 2.26 -16.86 -17.01
CA ILE A 14 1.34 -17.77 -16.30
C ILE A 14 2.16 -18.82 -15.57
N ALA A 15 1.85 -19.00 -14.30
CA ALA A 15 2.38 -20.12 -13.49
C ALA A 15 1.18 -20.93 -13.02
N CYS A 16 1.01 -22.09 -13.62
CA CYS A 16 -0.18 -22.93 -13.41
C CYS A 16 0.09 -23.98 -12.34
N PHE A 17 -0.45 -23.81 -11.14
CA PHE A 17 -0.26 -24.77 -10.03
C PHE A 17 -1.39 -25.80 -10.01
N ALA A 18 -2.35 -25.69 -10.91
CA ALA A 18 -3.40 -26.69 -11.16
C ALA A 18 -2.78 -27.79 -12.02
N PRO A 19 -3.09 -29.07 -11.76
CA PRO A 19 -2.55 -30.17 -12.56
C PRO A 19 -2.96 -30.00 -14.03
N GLN A 20 -2.02 -30.20 -14.95
CA GLN A 20 -2.31 -30.13 -16.40
C GLN A 20 -3.50 -31.00 -16.78
N ARG A 21 -3.68 -32.19 -16.18
CA ARG A 21 -4.80 -33.08 -16.58
C ARG A 21 -6.14 -32.47 -16.16
N GLN A 22 -6.15 -31.49 -15.27
CA GLN A 22 -7.40 -30.78 -14.86
C GLN A 22 -7.50 -29.44 -15.59
N CYS A 23 -6.38 -28.77 -15.86
CA CYS A 23 -6.35 -27.41 -16.44
C CYS A 23 -5.40 -27.38 -17.64
N THR A 24 -5.89 -27.85 -18.78
CA THR A 24 -5.09 -28.25 -19.96
C THR A 24 -4.54 -27.02 -20.70
N GLU A 25 -3.65 -27.25 -21.66
CA GLU A 25 -3.06 -26.17 -22.50
C GLU A 25 -4.23 -25.41 -23.16
N VAL A 26 -5.27 -26.10 -23.63
CA VAL A 26 -6.39 -25.44 -24.36
C VAL A 26 -7.24 -24.59 -23.37
N HIS A 27 -7.36 -25.03 -22.13
CA HIS A 27 -8.05 -24.24 -21.07
C HIS A 27 -7.25 -22.96 -20.83
N LEU A 28 -5.92 -23.06 -20.79
CA LEU A 28 -5.03 -21.90 -20.59
C LEU A 28 -5.20 -20.91 -21.78
N LYS A 29 -5.18 -21.41 -23.01
CA LYS A 29 -5.28 -20.59 -24.26
C LYS A 29 -6.66 -19.93 -24.30
N SER A 30 -7.71 -20.65 -23.93
CA SER A 30 -9.11 -20.16 -23.94
C SER A 30 -9.24 -19.02 -22.94
N PHE A 31 -8.82 -19.27 -21.70
CA PHE A 31 -8.83 -18.31 -20.57
C PHE A 31 -8.06 -17.04 -20.95
N THR A 32 -6.89 -17.20 -21.56
CA THR A 32 -5.96 -16.10 -21.90
C THR A 32 -6.63 -15.24 -23.00
N GLU A 33 -7.21 -15.90 -24.01
CA GLU A 33 -7.91 -15.17 -25.11
C GLU A 33 -9.10 -14.39 -24.55
N GLN A 34 -9.88 -14.99 -23.66
CA GLN A 34 -11.04 -14.31 -23.06
C GLN A 34 -10.58 -13.11 -22.21
N LEU A 35 -9.48 -13.26 -21.47
CA LEU A 35 -8.90 -12.19 -20.65
C LEU A 35 -8.34 -11.07 -21.54
N ARG A 36 -7.66 -11.41 -22.65
CA ARG A 36 -7.18 -10.42 -23.65
C ARG A 36 -8.37 -9.54 -24.07
N LYS A 37 -9.49 -10.15 -24.49
CA LYS A 37 -10.60 -9.38 -25.08
C LYS A 37 -11.26 -8.50 -24.01
N ILE A 38 -11.51 -8.99 -22.80
CA ILE A 38 -12.24 -8.15 -21.81
C ILE A 38 -11.31 -7.03 -21.30
N SER A 39 -10.05 -7.35 -21.04
CA SER A 39 -9.08 -6.36 -20.50
C SER A 39 -8.94 -5.22 -21.52
N ARG A 40 -8.91 -5.54 -22.81
CA ARG A 40 -8.83 -4.61 -23.93
C ARG A 40 -10.11 -3.74 -23.89
N ASP A 41 -11.28 -4.36 -23.84
CA ASP A 41 -12.58 -3.62 -23.92
C ASP A 41 -12.63 -2.61 -22.78
N ALA A 42 -12.06 -2.93 -21.63
CA ALA A 42 -12.06 -2.09 -20.41
C ALA A 42 -10.90 -1.06 -20.42
N GLY A 43 -10.07 -1.04 -21.47
CA GLY A 43 -8.95 -0.07 -21.58
C GLY A 43 -7.79 -0.35 -20.66
N MET A 44 -7.58 -1.62 -20.34
N MET A 44 -7.58 -1.62 -20.29
CA MET A 44 -6.38 -2.10 -19.61
CA MET A 44 -6.31 -2.06 -19.63
C MET A 44 -5.80 -3.30 -20.35
C MET A 44 -5.80 -3.29 -20.36
N PRO A 45 -5.43 -3.19 -21.65
CA PRO A 45 -5.17 -4.39 -22.45
C PRO A 45 -4.02 -5.24 -21.91
N ILE A 46 -4.29 -6.54 -21.77
CA ILE A 46 -3.28 -7.60 -21.50
C ILE A 46 -2.96 -8.29 -22.83
N GLN A 47 -1.73 -8.22 -23.31
CA GLN A 47 -1.40 -8.83 -24.63
C GLN A 47 -1.63 -10.35 -24.59
N GLY A 48 -2.05 -10.89 -25.73
CA GLY A 48 -2.56 -12.27 -25.88
C GLY A 48 -1.50 -13.29 -25.50
N GLN A 49 -0.22 -12.97 -25.67
CA GLN A 49 0.83 -14.03 -25.57
C GLN A 49 1.62 -13.84 -24.29
N PRO A 50 1.46 -14.66 -23.23
CA PRO A 50 2.37 -14.56 -22.09
C PRO A 50 3.78 -14.95 -22.54
N CYS A 51 4.80 -14.34 -21.91
CA CYS A 51 6.22 -14.59 -22.25
C CYS A 51 6.60 -16.00 -21.79
N PHE A 52 5.82 -16.56 -20.87
CA PHE A 52 6.09 -17.82 -20.13
C PHE A 52 4.76 -18.41 -19.71
N CYS A 53 4.62 -19.72 -19.87
CA CYS A 53 3.40 -20.42 -19.38
C CYS A 53 3.79 -21.84 -19.00
N LYS A 54 3.91 -22.11 -17.72
CA LYS A 54 4.40 -23.45 -17.31
C LYS A 54 3.57 -23.97 -16.13
N TYR A 55 3.52 -25.28 -16.02
CA TYR A 55 2.91 -25.97 -14.87
C TYR A 55 3.94 -26.08 -13.76
N ALA A 56 3.50 -25.98 -12.51
CA ALA A 56 4.34 -26.30 -11.34
C ALA A 56 3.46 -27.00 -10.33
N GLN A 57 4.07 -27.60 -9.32
CA GLN A 57 3.33 -28.30 -8.27
C GLN A 57 3.98 -27.95 -6.94
N GLY A 58 3.20 -27.54 -5.94
CA GLY A 58 3.68 -27.41 -4.56
C GLY A 58 4.38 -26.09 -4.31
N ALA A 59 4.29 -25.63 -3.07
CA ALA A 59 4.79 -24.32 -2.61
C ALA A 59 6.32 -24.23 -2.82
N ASP A 60 7.06 -25.35 -2.69
CA ASP A 60 8.54 -25.32 -2.86
C ASP A 60 8.96 -24.92 -4.28
N SER A 61 8.11 -25.08 -5.28
CA SER A 61 8.44 -24.71 -6.67
C SER A 61 8.33 -23.19 -6.87
N VAL A 62 7.61 -22.47 -6.01
CA VAL A 62 7.28 -21.03 -6.23
C VAL A 62 8.57 -20.20 -6.30
N GLU A 63 9.44 -20.30 -5.30
CA GLU A 63 10.60 -19.39 -5.23
C GLU A 63 11.52 -19.67 -6.41
N PRO A 64 11.93 -20.92 -6.72
CA PRO A 64 12.74 -21.17 -7.90
C PRO A 64 12.12 -20.61 -9.19
N MET A 65 10.82 -20.80 -9.40
CA MET A 65 10.21 -20.33 -10.67
C MET A 65 10.21 -18.80 -10.72
N PHE A 66 9.92 -18.13 -9.62
CA PHE A 66 9.80 -16.65 -9.58
C PHE A 66 11.21 -16.07 -9.76
N ARG A 67 12.24 -16.72 -9.18
CA ARG A 67 13.64 -16.30 -9.41
C ARG A 67 13.98 -16.43 -10.88
N HIS A 68 13.60 -17.54 -11.52
CA HIS A 68 13.80 -17.77 -12.95
C HIS A 68 13.11 -16.68 -13.77
N LEU A 69 11.86 -16.36 -13.45
CA LEU A 69 11.10 -15.34 -14.22
C LEU A 69 11.83 -14.00 -14.10
N LYS A 70 12.22 -13.64 -12.90
CA LYS A 70 12.88 -12.33 -12.64
C LYS A 70 14.21 -12.29 -13.40
N ASN A 71 14.90 -13.40 -13.46
CA ASN A 71 16.23 -13.49 -14.11
C ASN A 71 16.11 -13.52 -15.64
N THR A 72 14.97 -13.92 -16.20
CA THR A 72 14.86 -14.25 -17.64
C THR A 72 14.13 -13.16 -18.43
N TYR A 73 13.08 -12.56 -17.88
CA TYR A 73 12.12 -11.74 -18.65
C TYR A 73 12.24 -10.29 -18.21
N ALA A 74 13.01 -9.51 -18.94
CA ALA A 74 13.17 -8.04 -18.76
C ALA A 74 11.78 -7.39 -18.86
N GLY A 75 11.43 -6.50 -17.93
CA GLY A 75 10.19 -5.69 -17.95
C GLY A 75 8.96 -6.52 -17.65
N LEU A 76 9.11 -7.69 -17.03
CA LEU A 76 7.97 -8.51 -16.53
C LEU A 76 7.10 -7.66 -15.61
N GLN A 77 5.80 -7.61 -15.87
CA GLN A 77 4.85 -6.70 -15.16
C GLN A 77 3.91 -7.48 -14.27
N LEU A 78 3.69 -8.78 -14.52
CA LEU A 78 2.67 -9.55 -13.77
C LEU A 78 2.89 -11.04 -13.97
N VAL A 79 2.74 -11.81 -12.91
CA VAL A 79 2.56 -13.29 -12.98
C VAL A 79 1.14 -13.63 -12.55
N VAL A 80 0.42 -14.26 -13.44
CA VAL A 80 -0.94 -14.81 -13.16
C VAL A 80 -0.71 -16.22 -12.62
N VAL A 81 -1.16 -16.47 -11.40
CA VAL A 81 -0.93 -17.77 -10.73
C VAL A 81 -2.28 -18.49 -10.64
N ILE A 82 -2.37 -19.63 -11.29
CA ILE A 82 -3.61 -20.45 -11.23
C ILE A 82 -3.51 -21.45 -10.09
N LEU A 83 -4.43 -21.40 -9.15
CA LEU A 83 -4.45 -22.26 -7.95
C LEU A 83 -5.59 -23.27 -7.95
N PRO A 84 -5.33 -24.55 -7.59
CA PRO A 84 -6.39 -25.56 -7.48
C PRO A 84 -7.09 -25.64 -6.13
N GLY A 85 -7.97 -24.72 -5.79
CA GLY A 85 -8.64 -24.71 -4.46
C GLY A 85 -7.76 -24.06 -3.41
N LYS A 86 -8.06 -24.28 -2.12
CA LYS A 86 -7.27 -23.83 -0.94
C LYS A 86 -5.93 -24.56 -0.95
N THR A 87 -4.82 -23.83 -0.89
CA THR A 87 -3.46 -24.37 -1.06
C THR A 87 -2.46 -23.43 -0.40
N PRO A 88 -1.45 -24.00 0.30
CA PRO A 88 -0.35 -23.22 0.85
C PRO A 88 0.47 -22.50 -0.23
N VAL A 89 0.28 -22.89 -1.49
CA VAL A 89 0.93 -22.21 -2.64
C VAL A 89 0.54 -20.71 -2.62
N TYR A 90 -0.67 -20.36 -2.20
CA TYR A 90 -1.11 -18.93 -2.20
C TYR A 90 -0.18 -18.10 -1.31
N ALA A 91 0.00 -18.51 -0.05
CA ALA A 91 0.84 -17.83 0.96
C ALA A 91 2.25 -17.71 0.39
N GLU A 92 2.76 -18.75 -0.28
CA GLU A 92 4.16 -18.74 -0.75
C GLU A 92 4.32 -17.79 -1.93
N VAL A 93 3.38 -17.77 -2.87
CA VAL A 93 3.37 -16.83 -4.02
C VAL A 93 3.43 -15.39 -3.44
N LYS A 94 2.65 -15.10 -2.42
CA LYS A 94 2.64 -13.72 -1.82
C LYS A 94 3.92 -13.46 -1.03
N ARG A 95 4.46 -14.46 -0.34
CA ARG A 95 5.72 -14.23 0.40
C ARG A 95 6.78 -13.85 -0.65
N VAL A 96 6.92 -14.63 -1.70
CA VAL A 96 8.03 -14.43 -2.67
C VAL A 96 7.80 -13.15 -3.49
N GLY A 97 6.57 -12.90 -3.93
CA GLY A 97 6.25 -11.81 -4.87
C GLY A 97 6.30 -10.46 -4.18
N ASP A 98 5.57 -10.34 -3.07
CA ASP A 98 5.46 -9.09 -2.28
C ASP A 98 6.72 -8.82 -1.46
N THR A 99 7.33 -9.83 -0.80
CA THR A 99 8.33 -9.56 0.26
C THR A 99 9.75 -9.93 -0.21
N VAL A 100 9.93 -10.92 -1.08
CA VAL A 100 11.32 -11.27 -1.50
C VAL A 100 11.72 -10.55 -2.79
N LEU A 101 10.98 -10.69 -3.89
CA LEU A 101 11.47 -10.32 -5.24
C LEU A 101 10.78 -9.04 -5.76
N GLY A 102 9.77 -8.50 -5.07
CA GLY A 102 9.01 -7.32 -5.53
C GLY A 102 8.40 -7.56 -6.90
N MET A 103 7.71 -8.68 -7.09
CA MET A 103 7.08 -9.09 -8.36
C MET A 103 5.56 -9.08 -8.17
N ALA A 104 4.85 -8.30 -8.98
CA ALA A 104 3.38 -8.25 -8.96
C ALA A 104 2.83 -9.65 -9.32
N THR A 105 1.88 -10.13 -8.54
CA THR A 105 1.23 -11.42 -8.80
C THR A 105 -0.26 -11.23 -8.69
N GLN A 106 -0.97 -11.99 -9.48
CA GLN A 106 -2.44 -12.13 -9.40
C GLN A 106 -2.81 -13.60 -9.40
N CYS A 107 -3.46 -14.05 -8.35
CA CYS A 107 -3.92 -15.46 -8.22
C CYS A 107 -5.37 -15.54 -8.74
N VAL A 108 -5.67 -16.67 -9.33
CA VAL A 108 -6.98 -17.01 -9.91
C VAL A 108 -7.25 -18.48 -9.59
N GLN A 109 -8.52 -18.81 -9.30
CA GLN A 109 -8.97 -20.20 -9.07
C GLN A 109 -8.99 -20.97 -10.39
N MET A 110 -8.50 -22.21 -10.37
CA MET A 110 -8.56 -23.13 -11.54
C MET A 110 -9.97 -23.22 -12.14
N LYS A 111 -11.00 -23.31 -11.32
CA LYS A 111 -12.40 -23.45 -11.83
C LYS A 111 -12.77 -22.24 -12.72
N ASN A 112 -12.12 -21.07 -12.55
CA ASN A 112 -12.42 -19.84 -13.36
C ASN A 112 -11.53 -19.77 -14.60
N VAL A 113 -10.61 -20.72 -14.76
CA VAL A 113 -9.73 -20.85 -15.96
C VAL A 113 -10.32 -21.96 -16.85
N GLN A 114 -10.78 -23.02 -16.19
CA GLN A 114 -11.45 -24.16 -16.87
C GLN A 114 -12.72 -23.67 -17.60
N ARG A 115 -13.55 -22.86 -16.91
CA ARG A 115 -14.79 -22.28 -17.50
C ARG A 115 -14.83 -20.82 -17.12
N THR A 116 -14.73 -19.96 -18.12
CA THR A 116 -14.74 -18.50 -17.84
C THR A 116 -16.19 -18.01 -17.84
N THR A 117 -16.46 -16.91 -17.15
CA THR A 117 -17.70 -16.13 -17.35
C THR A 117 -17.30 -14.66 -17.43
N PRO A 118 -18.06 -13.82 -18.14
CA PRO A 118 -17.73 -12.39 -18.15
C PRO A 118 -17.55 -11.85 -16.72
N GLN A 119 -18.45 -12.21 -15.80
CA GLN A 119 -18.36 -11.75 -14.40
C GLN A 119 -17.03 -12.14 -13.75
N THR A 120 -16.54 -13.37 -13.94
CA THR A 120 -15.30 -13.76 -13.20
C THR A 120 -14.09 -13.15 -13.91
N LEU A 121 -14.12 -12.94 -15.23
CA LEU A 121 -12.98 -12.27 -15.90
C LEU A 121 -12.97 -10.79 -15.45
N SER A 122 -14.15 -10.19 -15.30
CA SER A 122 -14.30 -8.79 -14.81
C SER A 122 -13.74 -8.69 -13.38
N ASN A 123 -14.07 -9.65 -12.51
CA ASN A 123 -13.53 -9.68 -11.12
C ASN A 123 -12.00 -9.67 -11.17
N LEU A 124 -11.42 -10.53 -12.02
CA LEU A 124 -9.95 -10.60 -12.17
C LEU A 124 -9.38 -9.29 -12.72
N CYS A 125 -9.93 -8.70 -13.79
CA CYS A 125 -9.42 -7.41 -14.34
C CYS A 125 -9.41 -6.32 -13.27
N LEU A 126 -10.39 -6.30 -12.38
CA LEU A 126 -10.51 -5.23 -11.37
C LEU A 126 -9.39 -5.44 -10.33
N LYS A 127 -9.08 -6.70 -10.00
CA LYS A 127 -7.98 -7.00 -9.05
C LYS A 127 -6.67 -6.57 -9.69
N ILE A 128 -6.47 -6.89 -10.97
CA ILE A 128 -5.21 -6.55 -11.70
C ILE A 128 -5.10 -5.02 -11.76
N ASN A 129 -6.20 -4.35 -12.03
CA ASN A 129 -6.19 -2.88 -12.18
C ASN A 129 -5.71 -2.21 -10.89
N VAL A 130 -6.20 -2.66 -9.75
CA VAL A 130 -5.88 -2.16 -8.40
C VAL A 130 -4.38 -2.34 -8.19
N LYS A 131 -3.86 -3.51 -8.54
CA LYS A 131 -2.42 -3.79 -8.35
C LYS A 131 -1.53 -2.90 -9.23
N LEU A 132 -1.75 -2.87 -10.54
CA LEU A 132 -0.84 -2.25 -11.52
C LEU A 132 -1.15 -0.75 -11.67
N GLY A 133 -2.27 -0.27 -11.12
CA GLY A 133 -2.70 1.14 -11.19
C GLY A 133 -1.96 1.96 -10.15
N GLY A 134 -1.65 3.22 -10.49
CA GLY A 134 -0.94 4.18 -9.63
C GLY A 134 0.39 3.67 -9.07
N VAL A 135 1.15 2.86 -9.84
CA VAL A 135 2.52 2.42 -9.43
C VAL A 135 3.45 3.64 -9.53
N GLN B 2 -6.31 15.75 8.62
CA GLN B 2 -6.33 14.33 8.13
C GLN B 2 -5.55 13.44 9.11
N PHE B 3 -4.23 13.30 8.98
CA PHE B 3 -3.37 12.60 9.97
C PHE B 3 -3.30 13.37 11.30
N HIS B 4 -3.56 12.64 12.40
CA HIS B 4 -3.57 13.16 13.79
C HIS B 4 -2.19 12.93 14.44
N THR B 5 -1.60 14.01 14.95
CA THR B 5 -0.33 14.02 15.72
C THR B 5 -0.65 13.72 17.19
N GLY B 6 0.35 13.33 17.99
CA GLY B 6 0.25 13.28 19.46
C GLY B 6 -0.37 12.01 20.01
N ILE B 7 -0.71 11.02 19.18
CA ILE B 7 -1.31 9.74 19.63
C ILE B 7 -0.15 8.83 20.10
N GLU B 8 -0.32 8.27 21.29
CA GLU B 8 0.64 7.34 21.93
C GLU B 8 -0.21 6.16 22.41
N ILE B 9 -0.02 5.00 21.80
CA ILE B 9 -0.84 3.80 22.11
C ILE B 9 -0.01 2.94 23.07
N LYS B 10 -0.28 3.05 24.36
CA LYS B 10 0.52 2.45 25.46
C LYS B 10 -0.14 1.18 25.97
N VAL B 11 -1.47 1.15 26.04
CA VAL B 11 -2.22 -0.04 26.54
C VAL B 11 -3.09 -0.54 25.40
N TRP B 12 -2.68 -1.66 24.80
CA TRP B 12 -3.42 -2.26 23.68
C TRP B 12 -3.30 -3.78 23.77
N ALA B 13 -4.30 -4.48 23.22
CA ALA B 13 -4.43 -5.95 23.26
C ALA B 13 -4.53 -6.51 21.85
N ILE B 14 -4.20 -7.80 21.74
CA ILE B 14 -4.39 -8.59 20.51
C ILE B 14 -5.38 -9.70 20.89
N ALA B 15 -6.40 -9.86 20.06
CA ALA B 15 -7.39 -10.95 20.08
C ALA B 15 -7.24 -11.66 18.75
N CYS B 16 -6.69 -12.87 18.72
CA CYS B 16 -6.40 -13.53 17.44
C CYS B 16 -7.48 -14.60 17.19
N PHE B 17 -8.35 -14.33 16.20
CA PHE B 17 -9.39 -15.28 15.72
C PHE B 17 -8.84 -16.21 14.64
N ALA B 18 -7.65 -15.97 14.09
CA ALA B 18 -6.94 -16.92 13.21
C ALA B 18 -6.47 -18.10 14.07
N PRO B 19 -6.52 -19.31 13.49
CA PRO B 19 -6.04 -20.50 14.19
C PRO B 19 -4.52 -20.30 14.41
N GLN B 20 -4.09 -20.55 15.65
CA GLN B 20 -2.67 -20.57 16.07
C GLN B 20 -1.81 -21.34 15.07
N ARG B 21 -2.31 -22.40 14.46
CA ARG B 21 -1.49 -23.28 13.57
C ARG B 21 -1.12 -22.47 12.32
N GLN B 22 -1.92 -21.49 11.92
CA GLN B 22 -1.63 -20.69 10.68
C GLN B 22 -0.97 -19.37 11.08
N CYS B 23 -1.24 -18.89 12.30
CA CYS B 23 -0.74 -17.59 12.79
C CYS B 23 -0.17 -17.74 14.20
N THR B 24 1.09 -18.20 14.33
CA THR B 24 1.66 -18.61 15.63
C THR B 24 2.15 -17.42 16.47
N GLU B 25 2.57 -17.68 17.71
CA GLU B 25 3.00 -16.58 18.64
C GLU B 25 4.21 -15.85 18.02
N VAL B 26 5.08 -16.58 17.31
CA VAL B 26 6.27 -15.94 16.69
C VAL B 26 5.83 -15.03 15.52
N HIS B 27 4.80 -15.43 14.76
CA HIS B 27 4.19 -14.58 13.71
C HIS B 27 3.62 -13.29 14.33
N LEU B 28 2.92 -13.41 15.45
CA LEU B 28 2.29 -12.24 16.14
C LEU B 28 3.40 -11.29 16.62
N LYS B 29 4.45 -11.83 17.20
CA LYS B 29 5.56 -11.03 17.76
C LYS B 29 6.33 -10.35 16.62
N SER B 30 6.50 -11.02 15.49
CA SER B 30 7.18 -10.43 14.31
C SER B 30 6.35 -9.25 13.83
N PHE B 31 5.06 -9.49 13.73
CA PHE B 31 4.10 -8.50 13.24
C PHE B 31 4.11 -7.28 14.17
N THR B 32 4.04 -7.48 15.49
CA THR B 32 4.05 -6.42 16.51
C THR B 32 5.32 -5.57 16.36
N GLU B 33 6.46 -6.20 16.14
CA GLU B 33 7.74 -5.49 16.07
C GLU B 33 7.72 -4.56 14.84
N GLN B 34 7.22 -5.05 13.71
CA GLN B 34 7.20 -4.25 12.47
C GLN B 34 6.17 -3.11 12.63
N LEU B 35 5.04 -3.40 13.23
CA LEU B 35 4.01 -2.31 13.46
C LEU B 35 4.63 -1.26 14.40
N ARG B 36 5.36 -1.68 15.45
CA ARG B 36 6.06 -0.78 16.41
C ARG B 36 6.92 0.20 15.58
N LYS B 37 7.68 -0.31 14.60
CA LYS B 37 8.70 0.46 13.87
C LYS B 37 7.99 1.52 13.00
N ILE B 38 7.04 1.12 12.18
CA ILE B 38 6.42 2.10 11.24
C ILE B 38 5.56 3.11 12.04
N SER B 39 4.90 2.70 13.11
CA SER B 39 3.98 3.58 13.90
C SER B 39 4.85 4.63 14.58
N ARG B 40 6.03 4.24 15.08
CA ARG B 40 6.99 5.18 15.70
CA ARG B 40 7.05 5.15 15.68
C ARG B 40 7.48 6.17 14.63
N ASP B 41 7.89 5.66 13.47
CA ASP B 41 8.40 6.53 12.37
C ASP B 41 7.33 7.55 11.98
N ALA B 42 6.05 7.17 11.90
CA ALA B 42 4.96 8.07 11.47
C ALA B 42 4.56 9.01 12.62
N GLY B 43 5.05 8.78 13.84
CA GLY B 43 4.71 9.62 15.00
C GLY B 43 3.36 9.27 15.58
N MET B 44 2.99 7.97 15.56
CA MET B 44 1.81 7.48 16.32
C MET B 44 2.21 6.18 17.01
N PRO B 45 3.26 6.24 17.86
CA PRO B 45 3.90 4.99 18.34
C PRO B 45 2.95 4.07 19.10
N ILE B 46 2.94 2.80 18.67
CA ILE B 46 2.32 1.67 19.40
C ILE B 46 3.44 0.95 20.15
N GLN B 47 3.34 0.90 21.47
CA GLN B 47 4.42 0.32 22.30
C GLN B 47 4.52 -1.18 21.99
N GLY B 48 5.73 -1.73 22.13
CA GLY B 48 6.06 -3.09 21.68
C GLY B 48 5.30 -4.20 22.40
N GLN B 49 4.89 -4.05 23.67
CA GLN B 49 4.24 -5.20 24.37
C GLN B 49 2.74 -4.93 24.50
N PRO B 50 1.85 -5.72 23.87
CA PRO B 50 0.43 -5.63 24.19
C PRO B 50 0.25 -6.13 25.63
N CYS B 51 -0.74 -5.61 26.36
CA CYS B 51 -1.05 -6.01 27.75
C CYS B 51 -1.68 -7.40 27.73
N PHE B 52 -2.09 -7.88 26.56
CA PHE B 52 -2.90 -9.11 26.40
C PHE B 52 -2.75 -9.58 24.97
N CYS B 53 -2.55 -10.89 24.82
CA CYS B 53 -2.43 -11.51 23.49
C CYS B 53 -2.91 -12.95 23.58
N LYS B 54 -4.13 -13.21 23.13
CA LYS B 54 -4.74 -14.54 23.28
C LYS B 54 -5.51 -14.94 22.04
N TYR B 55 -5.63 -16.25 21.86
CA TYR B 55 -6.40 -16.84 20.75
C TYR B 55 -7.85 -17.00 21.19
N ALA B 56 -8.74 -16.90 20.22
CA ALA B 56 -10.21 -17.17 20.36
C ALA B 56 -10.73 -17.81 19.07
N GLN B 57 -11.88 -18.49 19.14
CA GLN B 57 -12.58 -19.05 17.95
C GLN B 57 -14.06 -18.70 18.07
N GLY B 58 -14.62 -18.19 17.00
CA GLY B 58 -16.08 -18.05 16.88
C GLY B 58 -16.57 -16.72 17.41
N ALA B 59 -17.62 -16.20 16.79
CA ALA B 59 -18.32 -14.97 17.19
C ALA B 59 -18.74 -15.05 18.67
N ASP B 60 -19.10 -16.22 19.17
CA ASP B 60 -19.59 -16.41 20.57
C ASP B 60 -18.48 -16.16 21.59
N SER B 61 -17.21 -16.14 21.19
CA SER B 61 -16.06 -15.84 22.08
C SER B 61 -15.87 -14.36 22.35
N VAL B 62 -16.39 -13.52 21.44
CA VAL B 62 -16.07 -12.07 21.35
C VAL B 62 -16.50 -11.35 22.63
N GLU B 63 -17.77 -11.44 23.02
CA GLU B 63 -18.31 -10.65 24.16
C GLU B 63 -17.62 -11.07 25.45
N PRO B 64 -17.48 -12.36 25.80
CA PRO B 64 -16.82 -12.71 27.06
C PRO B 64 -15.39 -12.14 27.11
N MET B 65 -14.63 -12.18 26.02
CA MET B 65 -13.19 -11.78 25.99
C MET B 65 -13.10 -10.26 26.18
N PHE B 66 -13.90 -9.52 25.40
CA PHE B 66 -13.93 -8.05 25.41
C PHE B 66 -14.40 -7.55 26.80
N ARG B 67 -15.40 -8.20 27.41
CA ARG B 67 -15.81 -7.89 28.80
C ARG B 67 -14.60 -8.05 29.71
N HIS B 68 -13.87 -9.15 29.56
CA HIS B 68 -12.68 -9.47 30.39
C HIS B 68 -11.64 -8.37 30.16
N LEU B 69 -11.45 -7.97 28.91
CA LEU B 69 -10.46 -6.91 28.55
C LEU B 69 -10.89 -5.56 29.16
N LYS B 70 -12.16 -5.17 29.04
CA LYS B 70 -12.68 -3.88 29.59
C LYS B 70 -12.48 -3.89 31.10
N ASN B 71 -12.83 -4.98 31.78
CA ASN B 71 -12.82 -5.08 33.27
C ASN B 71 -11.39 -5.09 33.82
N THR B 72 -10.40 -5.58 33.07
CA THR B 72 -9.08 -5.97 33.62
C THR B 72 -8.02 -4.88 33.40
N TYR B 73 -8.06 -4.19 32.26
CA TYR B 73 -7.01 -3.22 31.83
C TYR B 73 -7.60 -1.81 31.81
N ALA B 74 -7.57 -1.12 32.95
CA ALA B 74 -7.81 0.33 33.01
C ALA B 74 -6.91 0.99 31.96
N GLY B 75 -7.45 1.93 31.19
CA GLY B 75 -6.69 2.67 30.16
C GLY B 75 -6.47 1.90 28.87
N LEU B 76 -7.08 0.71 28.70
CA LEU B 76 -7.02 -0.01 27.40
C LEU B 76 -7.47 0.97 26.30
N GLN B 77 -6.65 1.19 25.29
CA GLN B 77 -6.92 2.14 24.19
C GLN B 77 -7.41 1.45 22.92
N LEU B 78 -7.04 0.18 22.70
CA LEU B 78 -7.28 -0.46 21.39
C LEU B 78 -7.15 -1.97 21.55
N VAL B 79 -8.08 -2.70 20.97
CA VAL B 79 -7.92 -4.16 20.71
C VAL B 79 -7.69 -4.34 19.23
N VAL B 80 -6.58 -4.99 18.86
CA VAL B 80 -6.26 -5.37 17.46
C VAL B 80 -6.79 -6.77 17.28
N VAL B 81 -7.70 -6.93 16.35
CA VAL B 81 -8.42 -8.21 16.21
C VAL B 81 -8.00 -8.84 14.91
N ILE B 82 -7.41 -10.02 14.96
CA ILE B 82 -6.92 -10.66 13.71
C ILE B 82 -7.96 -11.65 13.22
N LEU B 83 -8.38 -11.51 11.95
CA LEU B 83 -9.51 -12.30 11.35
C LEU B 83 -9.03 -13.19 10.20
N PRO B 84 -9.47 -14.48 10.13
CA PRO B 84 -9.13 -15.35 9.00
C PRO B 84 -10.12 -15.34 7.85
N GLY B 85 -9.97 -14.42 6.91
CA GLY B 85 -10.88 -14.26 5.78
C GLY B 85 -12.22 -13.68 6.22
N LYS B 86 -13.24 -13.96 5.42
CA LYS B 86 -14.65 -13.54 5.64
C LYS B 86 -15.23 -14.35 6.79
N THR B 87 -15.64 -13.71 7.88
CA THR B 87 -16.20 -14.39 9.09
C THR B 87 -17.27 -13.52 9.77
N PRO B 88 -18.30 -14.15 10.37
CA PRO B 88 -19.27 -13.46 11.23
C PRO B 88 -18.65 -12.82 12.48
N VAL B 89 -17.40 -13.20 12.79
CA VAL B 89 -16.64 -12.56 13.90
C VAL B 89 -16.56 -11.04 13.68
N TYR B 90 -16.36 -10.56 12.46
CA TYR B 90 -16.19 -9.13 12.16
C TYR B 90 -17.38 -8.33 12.71
N ALA B 91 -18.59 -8.69 12.32
CA ALA B 91 -19.83 -7.96 12.71
C ALA B 91 -19.97 -8.01 14.23
N GLU B 92 -19.62 -9.15 14.87
CA GLU B 92 -19.77 -9.36 16.33
C GLU B 92 -18.74 -8.49 17.07
N VAL B 93 -17.52 -8.35 16.53
CA VAL B 93 -16.47 -7.45 17.11
C VAL B 93 -16.99 -6.02 17.11
N LYS B 94 -17.50 -5.56 15.98
CA LYS B 94 -18.06 -4.20 15.85
C LYS B 94 -19.28 -4.05 16.78
N ARG B 95 -20.17 -5.03 16.84
CA ARG B 95 -21.38 -4.91 17.68
C ARG B 95 -20.93 -4.78 19.15
N VAL B 96 -20.04 -5.66 19.60
CA VAL B 96 -19.61 -5.72 21.03
C VAL B 96 -18.75 -4.47 21.34
N GLY B 97 -17.81 -4.14 20.46
CA GLY B 97 -16.96 -2.96 20.63
C GLY B 97 -17.74 -1.66 20.62
N ASP B 98 -18.51 -1.43 19.55
CA ASP B 98 -19.12 -0.12 19.25
C ASP B 98 -20.41 0.05 20.07
N THR B 99 -21.18 -1.00 20.31
CA THR B 99 -22.55 -0.87 20.87
C THR B 99 -22.69 -1.40 22.31
N VAL B 100 -22.05 -2.49 22.68
CA VAL B 100 -22.27 -3.11 24.02
C VAL B 100 -21.30 -2.46 25.02
N LEU B 101 -20.02 -2.36 24.68
CA LEU B 101 -18.94 -2.09 25.67
C LEU B 101 -18.29 -0.71 25.46
N GLY B 102 -18.38 -0.12 24.27
CA GLY B 102 -17.73 1.16 23.90
C GLY B 102 -16.21 1.10 23.97
N MET B 103 -15.60 0.21 23.17
CA MET B 103 -14.16 -0.11 23.16
C MET B 103 -13.64 0.09 21.74
N ALA B 104 -12.49 0.73 21.56
CA ALA B 104 -11.89 0.86 20.23
C ALA B 104 -11.35 -0.50 19.79
N THR B 105 -11.70 -0.91 18.58
CA THR B 105 -11.20 -2.17 17.97
C THR B 105 -10.73 -1.81 16.58
N GLN B 106 -9.73 -2.54 16.10
CA GLN B 106 -9.23 -2.43 14.72
C GLN B 106 -9.04 -3.83 14.23
N CYS B 107 -9.78 -4.25 13.21
CA CYS B 107 -9.62 -5.61 12.63
C CYS B 107 -8.47 -5.59 11.62
N VAL B 108 -7.89 -6.77 11.37
CA VAL B 108 -6.79 -6.93 10.40
C VAL B 108 -6.88 -8.37 9.89
N GLN B 109 -6.65 -8.56 8.60
CA GLN B 109 -6.73 -9.89 7.93
C GLN B 109 -5.51 -10.71 8.39
N MET B 110 -5.73 -11.97 8.75
CA MET B 110 -4.63 -12.95 9.05
C MET B 110 -3.54 -12.84 8.00
N LYS B 111 -3.88 -12.73 6.71
CA LYS B 111 -2.85 -12.78 5.64
C LYS B 111 -1.80 -11.70 5.89
N ASN B 112 -2.23 -10.50 6.36
CA ASN B 112 -1.31 -9.35 6.54
C ASN B 112 -0.58 -9.37 7.88
N VAL B 113 -0.85 -10.36 8.73
CA VAL B 113 -0.09 -10.57 9.98
C VAL B 113 0.94 -11.67 9.66
N GLN B 114 0.54 -12.62 8.84
CA GLN B 114 1.44 -13.74 8.44
C GLN B 114 2.56 -13.18 7.55
N ARG B 115 2.24 -12.24 6.66
CA ARG B 115 3.18 -11.62 5.69
C ARG B 115 2.93 -10.12 5.80
N THR B 116 3.78 -9.35 6.45
CA THR B 116 3.58 -7.87 6.52
C THR B 116 4.21 -7.29 5.25
N THR B 117 3.72 -6.13 4.82
CA THR B 117 4.34 -5.29 3.78
C THR B 117 4.23 -3.88 4.35
N PRO B 118 5.18 -2.95 4.05
CA PRO B 118 4.99 -1.55 4.48
C PRO B 118 3.60 -1.07 4.10
N GLN B 119 3.09 -1.39 2.91
CA GLN B 119 1.76 -0.83 2.46
C GLN B 119 0.66 -1.28 3.42
N THR B 120 0.67 -2.55 3.88
CA THR B 120 -0.43 -3.11 4.71
C THR B 120 -0.26 -2.62 6.13
N LEU B 121 0.96 -2.45 6.62
CA LEU B 121 1.15 -1.88 7.98
C LEU B 121 0.71 -0.40 7.97
N SER B 122 0.98 0.30 6.86
CA SER B 122 0.57 1.71 6.63
C SER B 122 -0.97 1.77 6.64
N ASN B 123 -1.60 0.85 5.89
CA ASN B 123 -3.08 0.84 5.77
C ASN B 123 -3.61 0.77 7.20
N LEU B 124 -3.03 -0.12 8.02
CA LEU B 124 -3.50 -0.40 9.41
C LEU B 124 -3.24 0.81 10.32
N CYS B 125 -2.05 1.41 10.25
CA CYS B 125 -1.74 2.66 11.02
C CYS B 125 -2.74 3.75 10.66
N LEU B 126 -3.10 3.91 9.39
CA LEU B 126 -4.02 5.00 9.00
C LEU B 126 -5.40 4.75 9.60
N LYS B 127 -5.86 3.50 9.63
CA LYS B 127 -7.14 3.11 10.27
C LYS B 127 -7.08 3.34 11.78
N ILE B 128 -5.97 2.99 12.42
CA ILE B 128 -5.86 3.20 13.89
C ILE B 128 -5.91 4.72 14.15
N ASN B 129 -5.28 5.49 13.28
CA ASN B 129 -5.07 6.95 13.47
C ASN B 129 -6.44 7.60 13.40
N VAL B 130 -7.30 7.15 12.49
CA VAL B 130 -8.66 7.77 12.34
C VAL B 130 -9.46 7.45 13.60
N LYS B 131 -9.34 6.23 14.12
CA LYS B 131 -10.10 5.75 15.30
C LYS B 131 -9.65 6.45 16.59
N LEU B 132 -8.36 6.60 16.86
CA LEU B 132 -7.91 7.15 18.17
C LEU B 132 -7.68 8.68 18.07
N GLY B 133 -7.73 9.28 16.86
CA GLY B 133 -7.59 10.72 16.64
C GLY B 133 -8.96 11.40 16.58
N GLN C 2 16.82 36.94 1.92
CA GLN C 2 15.71 37.53 2.72
C GLN C 2 14.52 36.57 2.74
N PHE C 3 13.95 36.34 3.92
CA PHE C 3 12.83 35.38 4.15
C PHE C 3 11.47 36.09 4.02
N HIS C 4 10.51 35.39 3.40
CA HIS C 4 9.20 35.96 3.00
C HIS C 4 8.12 35.42 3.95
N THR C 5 7.52 36.26 4.81
CA THR C 5 6.40 35.81 5.69
C THR C 5 5.09 36.31 5.08
N GLY C 6 3.97 35.78 5.55
CA GLY C 6 2.64 36.21 5.07
C GLY C 6 2.33 35.65 3.69
N ILE C 7 2.98 34.55 3.30
CA ILE C 7 2.70 33.83 2.03
C ILE C 7 1.93 32.54 2.36
N GLU C 8 1.13 32.05 1.41
CA GLU C 8 0.19 30.91 1.62
C GLU C 8 0.28 29.94 0.44
N ILE C 9 0.71 28.70 0.70
CA ILE C 9 0.75 27.64 -0.34
C ILE C 9 -0.55 26.85 -0.17
N LYS C 10 -1.52 27.18 -1.01
CA LYS C 10 -2.89 26.63 -1.01
C LYS C 10 -2.96 25.44 -1.96
N VAL C 11 -2.28 25.53 -3.10
CA VAL C 11 -2.37 24.45 -4.13
C VAL C 11 -0.99 23.86 -4.40
N TRP C 12 -0.79 22.61 -3.99
CA TRP C 12 0.54 21.98 -4.05
C TRP C 12 0.34 20.47 -4.18
N ALA C 13 1.35 19.83 -4.72
CA ALA C 13 1.30 18.42 -5.12
C ALA C 13 2.54 17.67 -4.63
N ILE C 14 2.40 16.35 -4.47
CA ILE C 14 3.52 15.43 -4.17
C ILE C 14 3.60 14.46 -5.35
N ALA C 15 4.74 14.43 -6.03
CA ALA C 15 5.22 13.36 -6.93
C ALA C 15 6.27 12.55 -6.17
N CYS C 16 6.04 11.26 -5.94
CA CYS C 16 6.96 10.40 -5.18
C CYS C 16 7.62 9.40 -6.12
N PHE C 17 8.92 9.58 -6.37
CA PHE C 17 9.72 8.80 -7.32
C PHE C 17 10.43 7.65 -6.59
N ALA C 18 10.28 7.59 -5.27
CA ALA C 18 10.62 6.42 -4.45
C ALA C 18 9.41 5.48 -4.47
N PRO C 19 9.62 4.15 -4.43
CA PRO C 19 8.49 3.23 -4.57
C PRO C 19 7.59 3.28 -3.33
N GLN C 20 6.29 3.00 -3.51
CA GLN C 20 5.31 2.96 -2.38
C GLN C 20 5.77 2.03 -1.25
N ARG C 21 6.41 0.90 -1.57
CA ARG C 21 7.01 -0.01 -0.55
C ARG C 21 7.85 0.79 0.45
N GLN C 22 8.65 1.72 -0.03
CA GLN C 22 9.61 2.36 0.89
C GLN C 22 8.88 3.52 1.54
N CYS C 23 8.14 4.27 0.73
CA CYS C 23 7.56 5.56 1.14
C CYS C 23 6.02 5.45 1.13
N THR C 24 5.44 5.04 2.25
CA THR C 24 4.04 4.56 2.29
C THR C 24 3.14 5.77 2.49
N GLU C 25 1.85 5.53 2.41
CA GLU C 25 0.80 6.57 2.60
C GLU C 25 0.92 7.12 4.02
N VAL C 26 1.21 6.31 5.03
CA VAL C 26 1.22 6.81 6.43
C VAL C 26 2.44 7.73 6.62
N HIS C 27 3.56 7.40 5.95
CA HIS C 27 4.76 8.26 5.85
C HIS C 27 4.37 9.59 5.22
N LEU C 28 3.69 9.54 4.06
CA LEU C 28 3.32 10.79 3.31
C LEU C 28 2.38 11.66 4.16
N LYS C 29 1.39 11.05 4.81
CA LYS C 29 0.33 11.80 5.52
C LYS C 29 0.93 12.41 6.78
N SER C 30 1.80 11.68 7.47
CA SER C 30 2.45 12.13 8.70
C SER C 30 3.44 13.24 8.37
N PHE C 31 4.29 13.07 7.35
CA PHE C 31 5.15 14.17 6.84
C PHE C 31 4.30 15.42 6.59
N THR C 32 3.21 15.28 5.84
CA THR C 32 2.34 16.42 5.41
C THR C 32 1.81 17.13 6.65
N GLU C 33 1.36 16.41 7.66
CA GLU C 33 0.86 17.07 8.89
C GLU C 33 1.98 17.85 9.60
N GLN C 34 3.18 17.27 9.71
CA GLN C 34 4.33 17.96 10.34
C GLN C 34 4.71 19.20 9.54
N LEU C 35 4.68 19.12 8.21
CA LEU C 35 5.06 20.20 7.30
C LEU C 35 4.01 21.31 7.41
N ARG C 36 2.74 20.92 7.55
CA ARG C 36 1.65 21.91 7.75
C ARG C 36 1.97 22.76 8.98
N LYS C 37 2.33 22.13 10.10
CA LYS C 37 2.43 22.82 11.42
C LYS C 37 3.64 23.73 11.46
N ILE C 38 4.79 23.26 11.01
CA ILE C 38 5.98 24.14 10.98
C ILE C 38 5.82 25.25 9.92
N SER C 39 5.25 24.98 8.73
CA SER C 39 5.19 26.03 7.67
C SER C 39 4.26 27.13 8.16
N ARG C 40 3.20 26.75 8.89
CA ARG C 40 2.24 27.73 9.44
C ARG C 40 2.94 28.61 10.48
N ASP C 41 3.67 27.97 11.39
CA ASP C 41 4.35 28.64 12.51
C ASP C 41 5.36 29.67 11.95
N ALA C 42 5.96 29.35 10.80
CA ALA C 42 7.00 30.18 10.13
C ALA C 42 6.41 31.20 9.15
N GLY C 43 5.10 31.47 9.20
CA GLY C 43 4.52 32.53 8.36
C GLY C 43 4.43 32.15 6.89
N MET C 44 4.58 30.86 6.56
CA MET C 44 4.51 30.39 5.15
C MET C 44 3.64 29.13 5.06
N PRO C 45 2.39 29.17 5.58
CA PRO C 45 1.60 27.94 5.72
C PRO C 45 1.37 27.20 4.40
N ILE C 46 1.69 25.90 4.41
CA ILE C 46 1.37 24.90 3.35
C ILE C 46 0.11 24.17 3.79
N GLN C 47 -0.99 24.27 3.07
CA GLN C 47 -2.22 23.62 3.57
C GLN C 47 -1.97 22.10 3.71
N GLY C 48 -2.55 21.43 4.72
CA GLY C 48 -2.27 20.01 5.02
C GLY C 48 -2.81 19.03 3.99
N GLN C 49 -3.44 19.49 2.89
CA GLN C 49 -4.09 18.54 1.94
C GLN C 49 -3.59 18.76 0.51
N PRO C 50 -2.64 17.97 -0.04
CA PRO C 50 -2.14 18.26 -1.38
C PRO C 50 -3.20 17.92 -2.43
N CYS C 51 -3.12 18.53 -3.61
CA CYS C 51 -4.17 18.42 -4.65
C CYS C 51 -3.95 17.15 -5.49
N PHE C 52 -2.73 16.61 -5.40
CA PHE C 52 -2.27 15.41 -6.14
C PHE C 52 -1.16 14.79 -5.32
N CYS C 53 -1.15 13.47 -5.22
CA CYS C 53 -0.15 12.73 -4.43
C CYS C 53 -0.05 11.34 -5.04
N LYS C 54 0.91 11.16 -5.94
CA LYS C 54 1.00 9.94 -6.78
C LYS C 54 2.46 9.48 -6.87
N TYR C 55 2.66 8.20 -7.17
CA TYR C 55 4.00 7.59 -7.30
C TYR C 55 4.33 7.56 -8.79
N ALA C 56 5.61 7.70 -9.15
CA ALA C 56 6.10 7.45 -10.51
C ALA C 56 7.48 6.80 -10.41
N GLN C 57 7.96 6.22 -11.52
CA GLN C 57 9.30 5.60 -11.57
C GLN C 57 10.04 6.06 -12.83
N GLY C 58 11.29 6.51 -12.67
CA GLY C 58 12.21 6.82 -13.79
C GLY C 58 12.03 8.24 -14.28
N ALA C 59 13.07 8.81 -14.91
CA ALA C 59 13.06 10.11 -15.61
C ALA C 59 11.84 10.21 -16.55
N ASP C 60 11.68 9.17 -17.37
CA ASP C 60 10.66 9.04 -18.46
C ASP C 60 9.26 9.40 -17.96
N SER C 61 8.97 9.19 -16.67
CA SER C 61 7.64 9.45 -16.06
C SER C 61 7.39 10.96 -15.85
N VAL C 62 8.46 11.76 -15.75
CA VAL C 62 8.42 13.17 -15.24
C VAL C 62 7.62 14.07 -16.20
N GLU C 63 8.05 14.19 -17.47
CA GLU C 63 7.47 15.18 -18.41
C GLU C 63 5.97 14.92 -18.57
N PRO C 64 5.52 13.70 -18.94
CA PRO C 64 4.10 13.35 -18.91
C PRO C 64 3.31 13.78 -17.65
N MET C 65 3.88 13.55 -16.46
CA MET C 65 3.17 13.77 -15.18
C MET C 65 3.07 15.28 -14.92
N PHE C 66 4.18 16.00 -15.11
CA PHE C 66 4.27 17.47 -14.88
C PHE C 66 3.29 18.15 -15.83
N ARG C 67 3.20 17.64 -17.06
CA ARG C 67 2.23 18.13 -18.09
C ARG C 67 0.81 17.92 -17.57
N HIS C 68 0.48 16.73 -17.06
CA HIS C 68 -0.85 16.46 -16.42
C HIS C 68 -1.13 17.49 -15.32
N LEU C 69 -0.17 17.71 -14.42
CA LEU C 69 -0.35 18.59 -13.24
C LEU C 69 -0.64 20.02 -13.67
N LYS C 70 0.19 20.55 -14.57
CA LYS C 70 0.03 21.91 -15.14
C LYS C 70 -1.39 22.03 -15.69
N ASN C 71 -1.86 21.03 -16.44
CA ASN C 71 -3.14 21.08 -17.21
C ASN C 71 -4.36 20.90 -16.29
N THR C 72 -4.24 20.22 -15.14
CA THR C 72 -5.40 19.77 -14.32
C THR C 72 -5.66 20.70 -13.13
N TYR C 73 -4.60 21.30 -12.58
CA TYR C 73 -4.60 21.97 -11.25
C TYR C 73 -4.24 23.44 -11.47
N ALA C 74 -5.23 24.25 -11.82
N ALA C 74 -5.24 24.28 -11.74
CA ALA C 74 -5.08 25.72 -11.96
CA ALA C 74 -5.09 25.69 -12.19
C ALA C 74 -4.51 26.27 -10.65
C ALA C 74 -3.90 26.40 -11.51
N GLY C 75 -3.55 27.20 -10.74
N GLY C 75 -4.06 26.91 -10.30
CA GLY C 75 -2.94 27.89 -9.59
CA GLY C 75 -3.07 27.76 -9.60
C GLY C 75 -1.96 27.02 -8.82
C GLY C 75 -2.06 26.97 -8.80
N LEU C 76 -1.54 25.89 -9.39
CA LEU C 76 -0.51 25.02 -8.75
C LEU C 76 0.71 25.87 -8.44
N GLN C 77 1.13 25.93 -7.18
CA GLN C 77 2.28 26.77 -6.76
C GLN C 77 3.58 25.98 -6.60
N LEU C 78 3.49 24.69 -6.27
CA LEU C 78 4.69 23.88 -5.92
C LEU C 78 4.42 22.40 -6.12
N VAL C 79 5.39 21.68 -6.69
CA VAL C 79 5.40 20.20 -6.69
C VAL C 79 6.53 19.76 -5.73
N VAL C 80 6.18 19.08 -4.65
CA VAL C 80 7.18 18.48 -3.72
C VAL C 80 7.52 17.13 -4.33
N VAL C 81 8.78 16.94 -4.72
CA VAL C 81 9.33 15.76 -5.44
C VAL C 81 10.17 14.94 -4.46
N ILE C 82 9.75 13.71 -4.17
CA ILE C 82 10.43 12.83 -3.20
C ILE C 82 11.31 11.88 -4.01
N LEU C 83 12.60 11.91 -3.70
CA LEU C 83 13.62 11.11 -4.39
C LEU C 83 14.22 10.13 -3.40
N PRO C 84 14.60 8.92 -3.86
CA PRO C 84 15.26 7.93 -3.02
C PRO C 84 16.72 8.27 -2.65
N GLY C 85 17.39 9.11 -3.45
CA GLY C 85 18.80 9.51 -3.22
C GLY C 85 19.39 10.13 -4.47
N LYS C 86 20.62 9.79 -4.85
CA LYS C 86 21.17 10.12 -6.18
C LYS C 86 20.31 9.43 -7.23
N THR C 87 19.71 10.21 -8.14
CA THR C 87 18.94 9.63 -9.26
C THR C 87 19.02 10.55 -10.46
N PRO C 88 19.14 10.03 -11.71
CA PRO C 88 18.99 10.88 -12.89
C PRO C 88 17.67 11.66 -12.87
N VAL C 89 16.70 11.25 -12.06
CA VAL C 89 15.35 11.91 -11.99
C VAL C 89 15.53 13.38 -11.58
N TYR C 90 16.51 13.69 -10.73
CA TYR C 90 16.80 15.07 -10.28
C TYR C 90 16.97 16.03 -11.47
N ALA C 91 17.96 15.77 -12.33
CA ALA C 91 18.26 16.60 -13.51
C ALA C 91 17.01 16.71 -14.41
N GLU C 92 16.28 15.62 -14.61
CA GLU C 92 15.06 15.61 -15.48
C GLU C 92 13.94 16.42 -14.80
N VAL C 93 13.80 16.32 -13.47
CA VAL C 93 12.83 17.16 -12.70
C VAL C 93 13.16 18.64 -12.96
N LYS C 94 14.45 19.00 -13.03
CA LYS C 94 14.87 20.41 -13.19
C LYS C 94 14.79 20.84 -14.65
N ARG C 95 15.13 19.95 -15.59
CA ARG C 95 15.03 20.21 -17.06
C ARG C 95 13.58 20.54 -17.43
N VAL C 96 12.61 19.84 -16.84
CA VAL C 96 11.15 19.98 -17.16
C VAL C 96 10.59 21.19 -16.38
N GLY C 97 10.78 21.20 -15.05
CA GLY C 97 10.20 22.19 -14.13
C GLY C 97 10.71 23.59 -14.41
N ASP C 98 12.03 23.75 -14.55
CA ASP C 98 12.70 25.08 -14.69
C ASP C 98 12.60 25.58 -16.12
N THR C 99 12.82 24.73 -17.14
CA THR C 99 13.18 25.17 -18.51
C THR C 99 12.14 24.76 -19.56
N VAL C 100 11.19 23.86 -19.26
CA VAL C 100 10.17 23.44 -20.26
C VAL C 100 8.80 24.01 -19.87
N LEU C 101 8.27 23.66 -18.70
CA LEU C 101 6.86 23.93 -18.30
C LEU C 101 6.76 25.15 -17.37
N GLY C 102 7.89 25.69 -16.89
CA GLY C 102 7.96 26.82 -15.94
C GLY C 102 7.29 26.53 -14.59
N MET C 103 7.43 25.30 -14.06
CA MET C 103 6.75 24.84 -12.81
C MET C 103 7.75 24.80 -11.65
N ALA C 104 7.37 25.40 -10.52
CA ALA C 104 8.15 25.44 -9.26
C ALA C 104 8.17 24.03 -8.63
N THR C 105 9.38 23.49 -8.41
CA THR C 105 9.56 22.15 -7.78
C THR C 105 10.51 22.27 -6.58
N GLN C 106 10.24 21.48 -5.54
CA GLN C 106 11.16 21.30 -4.39
C GLN C 106 11.39 19.80 -4.16
N CYS C 107 12.62 19.37 -4.29
CA CYS C 107 13.00 17.95 -3.99
C CYS C 107 13.29 17.76 -2.51
N VAL C 108 13.02 16.54 -2.03
CA VAL C 108 13.21 16.11 -0.63
C VAL C 108 13.62 14.63 -0.71
N GLN C 109 14.50 14.21 0.18
CA GLN C 109 14.99 12.82 0.28
C GLN C 109 13.94 11.97 0.99
N MET C 110 13.69 10.77 0.49
CA MET C 110 12.69 9.87 1.07
C MET C 110 13.02 9.60 2.55
N LYS C 111 14.29 9.61 2.97
CA LYS C 111 14.61 9.32 4.40
C LYS C 111 14.02 10.40 5.32
N ASN C 112 13.85 11.61 4.80
CA ASN C 112 13.37 12.77 5.59
C ASN C 112 11.84 12.82 5.54
N VAL C 113 11.22 11.98 4.72
CA VAL C 113 9.74 11.81 4.70
C VAL C 113 9.36 10.66 5.63
N GLN C 114 10.12 9.55 5.58
CA GLN C 114 9.88 8.35 6.40
C GLN C 114 10.00 8.68 7.87
N ARG C 115 10.99 9.51 8.19
CA ARG C 115 11.30 9.97 9.57
C ARG C 115 11.57 11.47 9.54
N THR C 116 10.61 12.27 9.94
CA THR C 116 10.79 13.75 10.02
C THR C 116 11.55 14.12 11.30
N THR C 117 12.28 15.24 11.25
CA THR C 117 12.76 15.97 12.43
C THR C 117 12.36 17.42 12.18
N PRO C 118 12.18 18.21 13.23
CA PRO C 118 12.02 19.65 13.05
C PRO C 118 13.13 20.29 12.20
N GLN C 119 14.38 19.91 12.40
CA GLN C 119 15.52 20.49 11.64
C GLN C 119 15.38 20.19 10.14
N THR C 120 15.01 18.98 9.72
CA THR C 120 14.90 18.66 8.26
C THR C 120 13.66 19.31 7.67
N LEU C 121 12.58 19.43 8.42
CA LEU C 121 11.38 20.16 7.95
C LEU C 121 11.73 21.66 7.79
N SER C 122 12.56 22.18 8.70
CA SER C 122 12.98 23.61 8.70
C SER C 122 13.85 23.84 7.46
N ASN C 123 14.74 22.87 7.19
CA ASN C 123 15.63 22.89 6.01
C ASN C 123 14.72 23.01 4.78
N LEU C 124 13.62 22.25 4.73
CA LEU C 124 12.80 22.15 3.50
C LEU C 124 12.01 23.46 3.32
N CYS C 125 11.39 23.95 4.39
CA CYS C 125 10.69 25.26 4.44
C CYS C 125 11.65 26.39 3.98
N LEU C 126 12.89 26.44 4.47
CA LEU C 126 13.81 27.50 4.01
C LEU C 126 13.99 27.43 2.48
N LYS C 127 14.14 26.22 1.92
CA LYS C 127 14.30 26.08 0.44
C LYS C 127 13.02 26.48 -0.30
N ILE C 128 11.86 26.11 0.24
CA ILE C 128 10.54 26.40 -0.39
C ILE C 128 10.40 27.92 -0.40
N ASN C 129 10.85 28.59 0.67
CA ASN C 129 10.61 30.06 0.86
C ASN C 129 11.41 30.83 -0.21
N VAL C 130 12.70 30.55 -0.35
CA VAL C 130 13.59 31.05 -1.45
C VAL C 130 12.86 30.90 -2.80
N LYS C 131 12.24 29.76 -3.09
CA LYS C 131 11.69 29.47 -4.44
C LYS C 131 10.37 30.21 -4.68
N LEU C 132 9.61 30.57 -3.64
CA LEU C 132 8.23 31.09 -3.80
C LEU C 132 8.21 32.59 -3.47
N GLY C 133 8.97 33.01 -2.46
CA GLY C 133 8.92 34.38 -1.89
C GLY C 133 9.42 35.45 -2.84
N GLY C 134 9.12 36.73 -2.57
CA GLY C 134 9.58 37.89 -3.37
C GLY C 134 8.90 37.97 -4.72
N VAL C 135 8.37 36.85 -5.23
CA VAL C 135 7.49 36.73 -6.43
C VAL C 135 6.13 36.16 -5.99
#